data_5YDF
#
_entry.id   5YDF
#
_cell.length_a   28.590
_cell.length_b   53.504
_cell.length_c   65.734
_cell.angle_alpha   90.00
_cell.angle_beta   95.66
_cell.angle_gamma   90.00
#
_symmetry.space_group_name_H-M   'P 1 21 1'
#
loop_
_entity.id
_entity.type
_entity.pdbx_description
1 polymer Parafibromin
2 water water
#
_entity_poly.entity_id   1
_entity_poly.type   'polypeptide(L)'
_entity_poly.pdbx_seq_one_letter_code
;GMADVLSVLRQYNIQKKEIVVKGDEVIFGEFSWPKNVKTNYVVWGTGKEGQPREYYTLDSILFLLNNVHLSHPVYVRRAA
TENIPVVRRPDRKDLLGYLNG
;
_entity_poly.pdbx_strand_id   A,B
#
# COMPACT_ATOMS: atom_id res chain seq x y z
N ASP A 4 -16.37 -0.20 -2.96
CA ASP A 4 -15.95 -1.34 -3.78
C ASP A 4 -14.63 -0.99 -4.45
N VAL A 5 -13.79 -2.02 -4.54
CA VAL A 5 -12.40 -1.75 -4.89
C VAL A 5 -12.28 -1.26 -6.34
N LEU A 6 -13.21 -1.68 -7.19
CA LEU A 6 -13.16 -1.23 -8.59
C LEU A 6 -13.43 0.29 -8.68
N SER A 7 -14.29 0.83 -7.81
CA SER A 7 -14.53 2.27 -7.77
CA SER A 7 -14.51 2.28 -7.80
C SER A 7 -13.29 3.03 -7.29
N VAL A 8 -12.59 2.44 -6.33
CA VAL A 8 -11.35 3.05 -5.87
C VAL A 8 -10.29 3.04 -7.00
N LEU A 9 -10.18 1.92 -7.71
CA LEU A 9 -9.24 1.82 -8.82
C LEU A 9 -9.59 2.83 -9.92
N ARG A 10 -10.87 2.98 -10.25
CA ARG A 10 -11.29 4.05 -11.17
C ARG A 10 -10.81 5.40 -10.69
N GLN A 11 -11.10 5.75 -9.43
CA GLN A 11 -10.69 7.05 -8.93
C GLN A 11 -9.17 7.27 -9.03
N TYR A 12 -8.39 6.26 -8.61
CA TYR A 12 -6.93 6.41 -8.65
C TYR A 12 -6.42 6.50 -10.09
N ASN A 13 -7.01 5.73 -10.99
CA ASN A 13 -6.60 5.75 -12.39
C ASN A 13 -6.91 7.06 -13.05
N ILE A 14 -8.11 7.60 -12.84
CA ILE A 14 -8.46 8.86 -13.47
C ILE A 14 -7.61 10.01 -12.91
N GLN A 15 -7.30 9.99 -11.62
CA GLN A 15 -6.54 11.13 -11.12
CA GLN A 15 -6.52 11.03 -10.98
C GLN A 15 -5.03 10.83 -11.08
N LYS A 16 -4.63 9.70 -11.66
CA LYS A 16 -3.22 9.29 -11.72
C LYS A 16 -2.56 9.38 -10.35
N LYS A 17 -3.25 8.86 -9.35
CA LYS A 17 -2.68 8.75 -8.01
C LYS A 17 -1.98 7.40 -7.92
N GLU A 18 -0.84 7.36 -7.25
CA GLU A 18 -0.02 6.14 -7.24
C GLU A 18 -0.72 4.93 -6.64
N ILE A 19 -0.58 3.80 -7.33
CA ILE A 19 -1.05 2.48 -6.87
C ILE A 19 0.18 1.62 -6.62
N VAL A 20 0.32 1.08 -5.40
CA VAL A 20 1.55 0.34 -5.08
C VAL A 20 1.29 -1.15 -4.97
N VAL A 21 2.00 -1.95 -5.77
CA VAL A 21 1.89 -3.39 -5.67
C VAL A 21 3.07 -3.92 -4.89
N LYS A 22 2.78 -4.59 -3.79
CA LYS A 22 3.82 -5.11 -2.91
C LYS A 22 3.50 -6.55 -2.60
N GLY A 23 4.23 -7.44 -3.25
CA GLY A 23 3.99 -8.86 -3.13
C GLY A 23 2.57 -9.18 -3.57
N ASP A 24 1.79 -9.73 -2.65
CA ASP A 24 0.42 -10.16 -2.94
C ASP A 24 -0.60 -9.14 -2.45
N GLU A 25 -0.12 -7.92 -2.21
CA GLU A 25 -0.98 -6.86 -1.72
C GLU A 25 -0.95 -5.62 -2.67
N VAL A 26 -2.06 -4.90 -2.76
CA VAL A 26 -2.18 -3.66 -3.55
C VAL A 26 -2.64 -2.52 -2.64
N ILE A 27 -1.82 -1.48 -2.57
CA ILE A 27 -2.01 -0.36 -1.67
C ILE A 27 -2.50 0.85 -2.45
N PHE A 28 -3.63 1.38 -1.99
CA PHE A 28 -4.25 2.60 -2.50
C PHE A 28 -4.22 3.62 -1.38
N GLY A 29 -3.24 4.52 -1.41
CA GLY A 29 -3.12 5.52 -0.36
C GLY A 29 -2.80 4.85 0.96
N GLU A 30 -3.69 4.98 1.93
CA GLU A 30 -3.35 4.30 3.17
CA GLU A 30 -3.62 4.39 3.27
C GLU A 30 -4.21 3.00 3.34
N PHE A 31 -4.90 2.59 2.27
CA PHE A 31 -5.69 1.33 2.27
C PHE A 31 -5.00 0.21 1.52
N SER A 32 -5.34 -1.04 1.81
CA SER A 32 -4.72 -2.19 1.16
C SER A 32 -5.69 -3.34 0.94
N TRP A 33 -5.60 -3.97 -0.22
CA TRP A 33 -6.36 -5.17 -0.54
C TRP A 33 -5.43 -6.28 -1.00
N PRO A 34 -5.81 -7.55 -0.78
CA PRO A 34 -5.05 -8.60 -1.46
C PRO A 34 -5.21 -8.45 -2.97
N LYS A 35 -4.16 -8.75 -3.73
CA LYS A 35 -4.25 -8.62 -5.17
C LYS A 35 -5.33 -9.55 -5.76
N ASN A 36 -5.64 -10.65 -5.10
CA ASN A 36 -6.62 -11.59 -5.65
C ASN A 36 -8.03 -11.32 -5.10
N VAL A 37 -8.25 -10.15 -4.48
CA VAL A 37 -9.59 -9.80 -4.02
C VAL A 37 -10.55 -9.76 -5.21
N LYS A 38 -11.75 -10.28 -5.00
CA LYS A 38 -12.78 -10.27 -6.04
C LYS A 38 -13.41 -8.88 -6.14
N THR A 39 -13.49 -8.35 -7.35
CA THR A 39 -14.29 -7.15 -7.62
C THR A 39 -15.78 -7.54 -7.71
N ASN A 40 -16.64 -6.55 -7.95
CA ASN A 40 -18.05 -6.82 -8.18
C ASN A 40 -18.38 -6.94 -9.67
N TYR A 41 -17.36 -7.15 -10.51
CA TYR A 41 -17.59 -7.22 -11.95
C TYR A 41 -17.66 -8.70 -12.40
N VAL A 42 -18.85 -9.15 -12.71
CA VAL A 42 -19.11 -10.53 -13.12
C VAL A 42 -18.50 -10.76 -14.51
N VAL A 43 -17.80 -11.88 -14.65
CA VAL A 43 -17.10 -12.27 -15.88
C VAL A 43 -18.10 -12.68 -16.95
N TRP A 44 -17.92 -12.16 -18.15
CA TRP A 44 -18.79 -12.50 -19.28
C TRP A 44 -19.02 -14.00 -19.39
N GLY A 45 -20.29 -14.39 -19.50
CA GLY A 45 -20.70 -15.77 -19.73
C GLY A 45 -21.04 -16.50 -18.47
N THR A 46 -20.53 -16.03 -17.32
CA THR A 46 -20.81 -16.70 -16.07
C THR A 46 -22.14 -16.23 -15.46
N GLY A 47 -22.64 -16.99 -14.49
CA GLY A 47 -23.92 -16.65 -13.87
C GLY A 47 -25.11 -16.96 -14.77
N LYS A 48 -24.89 -17.80 -15.78
CA LYS A 48 -25.91 -18.16 -16.78
C LYS A 48 -25.90 -19.67 -16.97
N GLU A 49 -26.99 -20.20 -17.51
CA GLU A 49 -27.16 -21.65 -17.75
C GLU A 49 -26.85 -22.49 -16.49
N GLY A 50 -27.22 -21.95 -15.34
CA GLY A 50 -27.04 -22.65 -14.08
C GLY A 50 -25.60 -22.71 -13.58
N GLN A 51 -24.70 -21.97 -14.19
CA GLN A 51 -23.32 -21.93 -13.73
C GLN A 51 -23.08 -20.73 -12.84
N PRO A 52 -22.23 -20.87 -11.83
CA PRO A 52 -22.01 -19.81 -10.86
C PRO A 52 -21.49 -18.52 -11.51
N ARG A 53 -21.88 -17.40 -10.94
CA ARG A 53 -21.18 -16.14 -11.23
C ARG A 53 -19.70 -16.30 -10.86
N GLU A 54 -18.82 -15.76 -11.68
CA GLU A 54 -17.43 -15.56 -11.28
C GLU A 54 -17.13 -14.07 -11.42
N TYR A 55 -16.19 -13.55 -10.64
CA TYR A 55 -15.86 -12.13 -10.66
C TYR A 55 -14.40 -11.92 -11.00
N TYR A 56 -14.09 -10.84 -11.70
CA TYR A 56 -12.69 -10.54 -11.93
C TYR A 56 -11.99 -10.22 -10.62
N THR A 57 -10.76 -10.71 -10.48
CA THR A 57 -9.91 -10.26 -9.38
C THR A 57 -9.32 -8.89 -9.68
N LEU A 58 -8.92 -8.19 -8.65
CA LEU A 58 -8.21 -6.94 -8.82
C LEU A 58 -6.97 -7.12 -9.69
N ASP A 59 -6.22 -8.21 -9.45
CA ASP A 59 -5.00 -8.50 -10.22
C ASP A 59 -5.29 -8.56 -11.73
N SER A 60 -6.39 -9.22 -12.11
CA SER A 60 -6.65 -9.35 -13.54
CA SER A 60 -6.73 -9.34 -13.54
C SER A 60 -6.95 -7.97 -14.16
N ILE A 61 -7.61 -7.09 -13.41
CA ILE A 61 -7.94 -5.79 -13.96
CA ILE A 61 -7.95 -5.77 -13.92
C ILE A 61 -6.69 -4.90 -14.00
N LEU A 62 -5.83 -4.96 -12.97
CA LEU A 62 -4.56 -4.23 -13.02
C LEU A 62 -3.71 -4.71 -14.20
N PHE A 63 -3.73 -6.01 -14.48
CA PHE A 63 -2.91 -6.51 -15.57
C PHE A 63 -3.41 -6.00 -16.93
N LEU A 64 -4.75 -5.96 -17.09
CA LEU A 64 -5.28 -5.30 -18.31
C LEU A 64 -4.84 -3.83 -18.37
N LEU A 65 -4.98 -3.08 -17.27
CA LEU A 65 -4.61 -1.65 -17.32
C LEU A 65 -3.15 -1.45 -17.69
N ASN A 66 -2.28 -2.30 -17.15
CA ASN A 66 -0.86 -2.20 -17.41
C ASN A 66 -0.48 -2.65 -18.81
N ASN A 67 -1.41 -3.32 -19.49
CA ASN A 67 -1.13 -3.82 -20.84
C ASN A 67 -2.13 -3.33 -21.88
N VAL A 68 -2.70 -2.16 -21.63
CA VAL A 68 -3.77 -1.68 -22.46
CA VAL A 68 -3.76 -1.61 -22.46
C VAL A 68 -3.27 -1.28 -23.86
N HIS A 69 -1.96 -1.01 -23.98
CA HIS A 69 -1.34 -0.65 -25.25
C HIS A 69 -1.34 -1.81 -26.24
N LEU A 70 -1.36 -3.05 -25.75
CA LEU A 70 -1.35 -4.21 -26.66
C LEU A 70 -2.68 -4.36 -27.38
N SER A 71 -2.64 -4.95 -28.56
CA SER A 71 -3.90 -5.40 -29.14
C SER A 71 -4.50 -6.45 -28.22
N HIS A 72 -5.81 -6.56 -28.23
CA HIS A 72 -6.43 -7.49 -27.33
C HIS A 72 -5.94 -8.96 -27.50
N PRO A 73 -5.81 -9.46 -28.75
CA PRO A 73 -5.31 -10.86 -28.88
C PRO A 73 -3.90 -11.10 -28.29
N VAL A 74 -3.00 -10.11 -28.47
CA VAL A 74 -1.66 -10.26 -27.90
C VAL A 74 -1.73 -10.16 -26.36
N TYR A 75 -2.55 -9.23 -25.84
CA TYR A 75 -2.79 -9.18 -24.39
C TYR A 75 -3.30 -10.54 -23.86
N VAL A 76 -4.23 -11.19 -24.58
CA VAL A 76 -4.74 -12.49 -24.15
C VAL A 76 -3.59 -13.49 -24.04
N ARG A 77 -2.69 -13.48 -25.04
CA ARG A 77 -1.53 -14.38 -24.95
C ARG A 77 -0.64 -14.05 -23.74
N ARG A 78 -0.42 -12.76 -23.48
CA ARG A 78 0.42 -12.34 -22.32
C ARG A 78 -0.21 -12.79 -21.01
N ALA A 79 -1.52 -12.63 -20.87
CA ALA A 79 -2.21 -13.10 -19.66
C ALA A 79 -2.03 -14.60 -19.51
N ALA A 80 -2.16 -15.34 -20.61
CA ALA A 80 -2.01 -16.80 -20.54
C ALA A 80 -0.59 -17.15 -20.10
N THR A 81 0.38 -16.46 -20.65
CA THR A 81 1.77 -16.74 -20.33
C THR A 81 2.08 -16.42 -18.85
N GLU A 82 1.50 -15.33 -18.34
CA GLU A 82 1.76 -14.88 -16.97
C GLU A 82 0.83 -15.55 -15.94
N ASN A 83 -0.04 -16.43 -16.42
CA ASN A 83 -1.01 -17.13 -15.59
C ASN A 83 -1.91 -16.16 -14.81
N ILE A 84 -2.41 -15.13 -15.50
CA ILE A 84 -3.34 -14.17 -14.90
C ILE A 84 -4.65 -14.30 -15.70
N PRO A 85 -5.81 -14.34 -15.03
CA PRO A 85 -7.03 -14.49 -15.83
C PRO A 85 -7.23 -13.30 -16.77
N VAL A 86 -7.66 -13.60 -17.98
CA VAL A 86 -7.91 -12.56 -18.95
C VAL A 86 -9.26 -11.83 -18.72
N VAL A 87 -9.27 -10.55 -19.03
CA VAL A 87 -10.54 -9.86 -19.19
C VAL A 87 -11.06 -10.22 -20.57
N ARG A 88 -12.21 -10.90 -20.59
CA ARG A 88 -12.77 -11.43 -21.82
C ARG A 88 -13.23 -10.29 -22.75
N ARG A 89 -13.09 -10.49 -24.06
CA ARG A 89 -13.36 -9.40 -24.98
C ARG A 89 -14.70 -8.69 -24.82
N PRO A 90 -15.82 -9.42 -24.54
CA PRO A 90 -17.07 -8.67 -24.38
C PRO A 90 -17.08 -7.72 -23.17
N ASP A 91 -16.17 -7.88 -22.22
CA ASP A 91 -16.11 -7.00 -21.07
C ASP A 91 -15.12 -5.87 -21.21
N ARG A 92 -14.26 -5.93 -22.23
CA ARG A 92 -13.12 -5.03 -22.33
C ARG A 92 -13.52 -3.55 -22.43
N LYS A 93 -14.39 -3.23 -23.39
CA LYS A 93 -14.72 -1.83 -23.65
C LYS A 93 -15.38 -1.22 -22.44
N ASP A 94 -16.31 -1.96 -21.83
CA ASP A 94 -17.05 -1.40 -20.70
C ASP A 94 -16.11 -1.22 -19.50
N LEU A 95 -15.26 -2.22 -19.22
CA LEU A 95 -14.35 -2.09 -18.09
C LEU A 95 -13.36 -0.94 -18.28
N LEU A 96 -12.74 -0.85 -19.46
CA LEU A 96 -11.82 0.24 -19.68
C LEU A 96 -12.54 1.59 -19.63
N GLY A 97 -13.76 1.64 -20.15
CA GLY A 97 -14.54 2.88 -20.12
C GLY A 97 -14.78 3.30 -18.68
N TYR A 98 -15.13 2.34 -17.84
CA TYR A 98 -15.39 2.63 -16.44
C TYR A 98 -14.09 3.10 -15.77
N LEU A 99 -12.97 2.44 -16.05
CA LEU A 99 -11.73 2.77 -15.36
C LEU A 99 -11.12 4.10 -15.83
N ASN A 100 -11.40 4.50 -17.07
CA ASN A 100 -10.81 5.71 -17.63
C ASN A 100 -11.75 6.91 -17.55
N GLY A 101 -13.05 6.68 -17.36
CA GLY A 101 -14.03 7.77 -17.24
C GLY A 101 -14.32 8.51 -18.55
N ASP B 4 23.22 3.54 14.68
CA ASP B 4 22.14 4.45 14.27
C ASP B 4 20.94 4.25 15.14
N VAL B 5 20.14 5.30 15.28
CA VAL B 5 19.08 5.26 16.28
C VAL B 5 17.99 4.23 15.96
N LEU B 6 17.66 4.01 14.70
CA LEU B 6 16.68 3.00 14.39
C LEU B 6 17.18 1.58 14.77
N SER B 7 18.48 1.33 14.63
CA SER B 7 19.04 0.05 15.10
C SER B 7 18.89 -0.14 16.62
N VAL B 8 19.08 0.96 17.36
CA VAL B 8 18.92 0.94 18.80
C VAL B 8 17.44 0.71 19.18
N LEU B 9 16.55 1.44 18.51
CA LEU B 9 15.12 1.26 18.74
C LEU B 9 14.73 -0.19 18.46
N ARG B 10 15.23 -0.76 17.36
CA ARG B 10 14.98 -2.15 17.04
C ARG B 10 15.43 -3.08 18.18
N GLN B 11 16.66 -2.92 18.66
CA GLN B 11 17.12 -3.80 19.73
C GLN B 11 16.23 -3.68 20.99
N TYR B 12 15.89 -2.44 21.35
CA TYR B 12 15.05 -2.24 22.53
C TYR B 12 13.65 -2.82 22.35
N ASN B 13 13.09 -2.68 21.14
CA ASN B 13 11.77 -3.23 20.87
C ASN B 13 11.79 -4.76 20.86
N ILE B 14 12.77 -5.38 20.21
CA ILE B 14 12.84 -6.86 20.16
C ILE B 14 13.03 -7.46 21.55
N GLN B 15 13.88 -6.83 22.34
CA GLN B 15 14.18 -7.33 23.69
C GLN B 15 13.19 -6.83 24.75
N LYS B 16 12.28 -5.94 24.35
CA LYS B 16 11.31 -5.32 25.24
C LYS B 16 11.98 -4.67 26.47
N LYS B 17 13.06 -3.95 26.18
CA LYS B 17 13.74 -3.13 27.19
C LYS B 17 13.06 -1.77 27.27
N GLU B 18 13.05 -1.18 28.47
CA GLU B 18 12.38 0.09 28.69
C GLU B 18 12.95 1.20 27.83
N ILE B 19 12.04 1.94 27.19
CA ILE B 19 12.34 3.18 26.47
C ILE B 19 11.71 4.33 27.26
N VAL B 20 12.47 5.37 27.60
CA VAL B 20 11.96 6.44 28.43
C VAL B 20 11.77 7.74 27.66
N VAL B 21 10.57 8.31 27.69
CA VAL B 21 10.33 9.58 27.04
C VAL B 21 10.22 10.65 28.11
N LYS B 22 11.06 11.67 28.00
CA LYS B 22 11.08 12.76 28.98
C LYS B 22 11.11 14.05 28.23
N GLY B 23 10.00 14.77 28.26
CA GLY B 23 9.83 15.94 27.43
C GLY B 23 10.05 15.57 25.99
N ASP B 24 11.04 16.20 25.38
CA ASP B 24 11.33 15.98 23.97
C ASP B 24 12.55 15.10 23.79
N GLU B 25 12.94 14.40 24.84
CA GLU B 25 14.05 13.45 24.83
C GLU B 25 13.53 12.01 24.79
N VAL B 26 14.26 11.13 24.10
CA VAL B 26 13.98 9.72 24.15
C VAL B 26 15.25 9.01 24.61
N ILE B 27 15.13 8.27 25.70
CA ILE B 27 16.27 7.70 26.41
C ILE B 27 16.27 6.18 26.29
N PHE B 28 17.38 5.67 25.78
CA PHE B 28 17.63 4.23 25.60
C PHE B 28 18.79 3.87 26.52
N GLY B 29 18.47 3.34 27.70
CA GLY B 29 19.51 2.99 28.65
C GLY B 29 20.17 4.25 29.15
N GLU B 30 21.44 4.44 28.84
CA GLU B 30 22.13 5.63 29.30
C GLU B 30 22.31 6.64 28.13
N PHE B 31 21.74 6.34 26.96
CA PHE B 31 21.87 7.22 25.77
C PHE B 31 20.58 8.00 25.52
N SER B 32 20.67 9.19 24.94
CA SER B 32 19.50 10.03 24.72
C SER B 32 19.52 10.66 23.33
N TRP B 33 18.35 10.74 22.70
CA TRP B 33 18.20 11.44 21.41
C TRP B 33 17.03 12.43 21.50
N PRO B 34 17.13 13.58 20.82
CA PRO B 34 15.93 14.41 20.70
C PRO B 34 14.90 13.66 19.83
N LYS B 35 13.62 13.84 20.16
CA LYS B 35 12.60 13.03 19.51
C LYS B 35 12.52 13.25 17.98
N ASN B 36 12.91 14.43 17.50
CA ASN B 36 12.84 14.69 16.06
C ASN B 36 14.11 14.32 15.29
N VAL B 37 14.99 13.55 15.93
CA VAL B 37 16.16 13.06 15.21
C VAL B 37 15.69 12.26 13.98
N LYS B 38 16.38 12.46 12.87
CA LYS B 38 16.10 11.72 11.64
C LYS B 38 16.74 10.34 11.69
N THR B 39 15.95 9.32 11.38
CA THR B 39 16.47 7.97 11.15
C THR B 39 17.06 7.91 9.75
N ASN B 40 17.61 6.75 9.40
CA ASN B 40 18.10 6.54 8.04
C ASN B 40 17.03 5.91 7.12
N TYR B 41 15.77 5.94 7.55
CA TYR B 41 14.71 5.31 6.77
C TYR B 41 14.03 6.33 5.86
N VAL B 42 14.37 6.27 4.58
CA VAL B 42 13.79 7.15 3.58
C VAL B 42 12.33 6.82 3.37
N VAL B 43 11.51 7.86 3.34
CA VAL B 43 10.06 7.77 3.24
C VAL B 43 9.66 7.38 1.81
N TRP B 44 8.70 6.45 1.72
CA TRP B 44 8.15 6.03 0.45
C TRP B 44 7.83 7.21 -0.45
N GLY B 45 8.28 7.13 -1.70
CA GLY B 45 7.91 8.11 -2.70
C GLY B 45 8.84 9.31 -2.76
N THR B 46 9.81 9.37 -1.86
CA THR B 46 10.74 10.50 -1.85
C THR B 46 12.12 10.09 -2.37
N GLY B 47 12.92 11.09 -2.72
CA GLY B 47 14.27 10.82 -3.21
C GLY B 47 14.34 10.37 -4.66
N LYS B 48 13.24 10.53 -5.37
CA LYS B 48 13.19 10.17 -6.78
C LYS B 48 12.67 11.34 -7.61
N GLU B 49 12.97 11.29 -8.90
CA GLU B 49 12.52 12.29 -9.86
C GLU B 49 12.83 13.72 -9.39
N GLY B 50 14.04 13.94 -8.90
CA GLY B 50 14.47 15.27 -8.52
C GLY B 50 13.84 15.74 -7.22
N GLN B 51 13.06 14.86 -6.59
CA GLN B 51 12.45 15.20 -5.32
C GLN B 51 13.37 14.77 -4.19
N PRO B 52 13.58 15.64 -3.19
CA PRO B 52 14.53 15.28 -2.13
C PRO B 52 14.07 14.11 -1.28
N ARG B 53 15.04 13.34 -0.81
CA ARG B 53 14.78 12.34 0.21
C ARG B 53 14.15 12.99 1.45
N GLU B 54 13.19 12.29 2.05
CA GLU B 54 12.72 12.62 3.40
C GLU B 54 12.97 11.41 4.26
N TYR B 55 13.16 11.63 5.56
CA TYR B 55 13.46 10.56 6.50
C TYR B 55 12.44 10.55 7.62
N TYR B 56 12.02 9.37 8.04
CA TYR B 56 11.18 9.30 9.25
C TYR B 56 11.98 9.77 10.46
N THR B 57 11.32 10.55 11.31
CA THR B 57 11.87 10.87 12.60
C THR B 57 11.63 9.75 13.60
N LEU B 58 12.43 9.76 14.67
CA LEU B 58 12.20 8.83 15.76
C LEU B 58 10.79 8.99 16.31
N ASP B 59 10.34 10.23 16.47
CA ASP B 59 9.01 10.47 17.04
C ASP B 59 7.90 9.80 16.21
N SER B 60 8.00 9.93 14.88
CA SER B 60 6.99 9.32 14.01
C SER B 60 6.95 7.78 14.18
N ILE B 61 8.11 7.17 14.31
CA ILE B 61 8.18 5.73 14.39
CA ILE B 61 8.22 5.73 14.42
C ILE B 61 7.67 5.28 15.77
N LEU B 62 8.04 5.99 16.83
CA LEU B 62 7.50 5.69 18.16
C LEU B 62 5.98 5.80 18.17
N PHE B 63 5.44 6.80 17.47
CA PHE B 63 3.99 6.95 17.47
C PHE B 63 3.33 5.76 16.77
N LEU B 64 3.93 5.31 15.66
CA LEU B 64 3.41 4.09 15.04
C LEU B 64 3.50 2.89 15.99
N LEU B 65 4.65 2.66 16.63
CA LEU B 65 4.77 1.51 17.55
C LEU B 65 3.73 1.58 18.67
N ASN B 66 3.50 2.77 19.20
CA ASN B 66 2.53 2.94 20.30
C ASN B 66 1.09 2.81 19.85
N ASN B 67 0.87 2.85 18.53
CA ASN B 67 -0.49 2.74 18.00
C ASN B 67 -0.64 1.62 16.99
N VAL B 68 0.18 0.58 17.14
CA VAL B 68 0.30 -0.46 16.14
C VAL B 68 -0.98 -1.33 16.11
N HIS B 69 -1.72 -1.32 17.20
CA HIS B 69 -2.97 -2.08 17.30
C HIS B 69 -4.09 -1.53 16.42
N LEU B 70 -4.03 -0.23 16.09
CA LEU B 70 -5.06 0.42 15.25
C LEU B 70 -4.99 -0.09 13.82
N SER B 71 -6.11 -0.12 13.11
CA SER B 71 -6.04 -0.28 11.66
C SER B 71 -5.26 0.90 11.11
N HIS B 72 -4.54 0.66 10.02
CA HIS B 72 -3.71 1.75 9.50
C HIS B 72 -4.49 3.05 9.21
N PRO B 73 -5.69 3.00 8.58
CA PRO B 73 -6.38 4.28 8.32
C PRO B 73 -6.76 5.08 9.59
N VAL B 74 -7.11 4.35 10.66
CA VAL B 74 -7.43 5.04 11.91
C VAL B 74 -6.13 5.62 12.54
N TYR B 75 -5.03 4.87 12.49
CA TYR B 75 -3.71 5.39 12.92
C TYR B 75 -3.38 6.67 12.13
N VAL B 76 -3.66 6.68 10.82
CA VAL B 76 -3.40 7.87 10.02
C VAL B 76 -4.21 9.06 10.55
N ARG B 77 -5.49 8.84 10.88
CA ARG B 77 -6.27 9.95 11.42
CA ARG B 77 -6.31 9.89 11.48
C ARG B 77 -5.71 10.43 12.77
N ARG B 78 -5.28 9.50 13.62
CA ARG B 78 -4.68 9.87 14.92
C ARG B 78 -3.39 10.69 14.74
N ALA B 79 -2.52 10.27 13.82
CA ALA B 79 -1.29 11.02 13.53
C ALA B 79 -1.64 12.44 13.04
N ALA B 80 -2.65 12.54 12.19
CA ALA B 80 -3.02 13.87 11.69
C ALA B 80 -3.53 14.75 12.84
N THR B 81 -4.35 14.17 13.71
CA THR B 81 -4.85 14.92 14.86
C THR B 81 -3.70 15.43 15.72
N GLU B 82 -2.71 14.57 15.96
CA GLU B 82 -1.56 14.93 16.80
C GLU B 82 -0.50 15.74 16.06
N ASN B 83 -0.64 15.92 14.76
CA ASN B 83 0.35 16.62 13.95
C ASN B 83 1.72 15.92 14.02
N ILE B 84 1.69 14.59 13.95
CA ILE B 84 2.91 13.78 13.88
C ILE B 84 2.99 13.18 12.48
N PRO B 85 4.13 13.35 11.78
CA PRO B 85 4.19 12.77 10.43
C PRO B 85 3.91 11.26 10.44
N VAL B 86 3.11 10.85 9.47
CA VAL B 86 2.65 9.48 9.39
C VAL B 86 3.67 8.56 8.72
N VAL B 87 3.71 7.31 9.13
CA VAL B 87 4.40 6.28 8.35
C VAL B 87 3.46 5.87 7.21
N ARG B 88 3.93 6.07 5.98
CA ARG B 88 3.10 5.79 4.81
CA ARG B 88 3.14 5.78 4.78
C ARG B 88 2.87 4.29 4.65
N ARG B 89 1.68 3.90 4.21
CA ARG B 89 1.32 2.49 4.19
C ARG B 89 2.35 1.59 3.44
N PRO B 90 2.92 2.02 2.29
CA PRO B 90 3.91 1.13 1.63
C PRO B 90 5.15 0.86 2.50
N ASP B 91 5.41 1.67 3.53
CA ASP B 91 6.55 1.42 4.42
C ASP B 91 6.21 0.60 5.65
N ARG B 92 4.92 0.43 5.93
CA ARG B 92 4.50 -0.09 7.24
C ARG B 92 5.02 -1.50 7.51
N LYS B 93 4.78 -2.43 6.58
CA LYS B 93 5.14 -3.84 6.82
C LYS B 93 6.65 -3.97 6.95
N ASP B 94 7.40 -3.31 6.08
CA ASP B 94 8.85 -3.45 6.14
CA ASP B 94 8.87 -3.36 6.09
C ASP B 94 9.41 -2.83 7.43
N LEU B 95 8.92 -1.65 7.81
CA LEU B 95 9.44 -1.00 9.02
C LEU B 95 9.10 -1.83 10.26
N LEU B 96 7.85 -2.27 10.37
CA LEU B 96 7.49 -3.07 11.54
C LEU B 96 8.22 -4.41 11.55
N GLY B 97 8.44 -5.00 10.37
CA GLY B 97 9.12 -6.28 10.29
C GLY B 97 10.55 -6.11 10.83
N TYR B 98 11.21 -5.04 10.40
CA TYR B 98 12.56 -4.74 10.88
C TYR B 98 12.56 -4.53 12.40
N LEU B 99 11.63 -3.72 12.90
CA LEU B 99 11.60 -3.38 14.33
C LEU B 99 11.24 -4.54 15.23
N ASN B 100 10.60 -5.56 14.67
CA ASN B 100 10.15 -6.70 15.50
C ASN B 100 10.94 -7.98 15.40
N GLY B 101 11.95 -8.01 14.55
CA GLY B 101 12.75 -9.19 14.41
C GLY B 101 13.84 -9.01 13.40
#